data_8WVS
#
_entry.id   8WVS
#
_entity_poly.entity_id   1
_entity_poly.type   'polypeptide(L)'
_entity_poly.pdbx_seq_one_letter_code
;SCPPCKCGW
;
_entity_poly.pdbx_strand_id   B,A
#
# COMPACT_ATOMS: atom_id res chain seq x y z
N SER A 1 -6.36 -3.46 -9.42
CA SER A 1 -5.88 -2.08 -9.70
C SER A 1 -4.63 -1.78 -8.87
N CYS A 2 -4.68 -2.08 -7.58
CA CYS A 2 -3.58 -1.75 -6.69
C CYS A 2 -3.51 -2.70 -5.50
N PRO A 3 -2.32 -3.24 -5.22
CA PRO A 3 -2.08 -4.06 -4.04
C PRO A 3 -1.66 -3.21 -2.84
N PRO A 4 -2.32 -3.40 -1.68
CA PRO A 4 -1.91 -2.74 -0.44
C PRO A 4 -0.55 -3.25 0.01
N CYS A 5 0.35 -2.34 0.32
CA CYS A 5 1.70 -2.72 0.69
C CYS A 5 1.81 -3.12 2.16
N LYS A 6 0.64 -3.36 2.75
CA LYS A 6 0.51 -3.83 4.14
C LYS A 6 1.44 -3.07 5.09
N CYS A 7 1.54 -1.76 4.88
CA CYS A 7 2.43 -0.93 5.66
C CYS A 7 1.94 0.51 5.59
N GLY A 8 2.86 1.45 5.59
CA GLY A 8 2.49 2.85 5.56
C GLY A 8 3.43 3.69 6.36
N TRP A 9 2.98 4.85 6.79
CA TRP A 9 3.79 5.75 7.59
C TRP A 9 3.48 5.54 9.06
N SER B 1 -9.93 2.71 -5.97
CA SER B 1 -10.11 1.35 -5.41
C SER B 1 -9.21 1.13 -4.20
N CYS B 2 -7.94 1.50 -4.34
CA CYS B 2 -6.96 1.25 -3.28
C CYS B 2 -5.82 2.27 -3.31
N PRO B 3 -5.52 2.88 -2.17
CA PRO B 3 -4.37 3.75 -2.03
C PRO B 3 -3.10 2.99 -1.65
N PRO B 4 -1.99 3.20 -2.37
CA PRO B 4 -0.70 2.61 -2.02
C PRO B 4 -0.19 3.21 -0.71
N CYS B 5 0.21 2.36 0.21
CA CYS B 5 0.63 2.82 1.53
C CYS B 5 2.08 3.31 1.52
N LYS B 6 2.59 3.50 0.32
CA LYS B 6 3.94 4.03 0.08
C LYS B 6 4.99 3.36 0.99
N CYS B 7 4.84 2.06 1.16
CA CYS B 7 5.71 1.31 2.05
C CYS B 7 5.69 -0.15 1.63
N GLY B 8 5.79 -1.04 2.59
CA GLY B 8 5.80 -2.46 2.28
C GLY B 8 6.70 -3.22 3.23
N TRP B 9 7.16 -4.38 2.80
CA TRP B 9 8.04 -5.19 3.60
C TRP B 9 9.49 -4.94 3.20
N SER A 1 -9.56 -4.00 -3.79
CA SER A 1 -8.53 -4.74 -3.03
C SER A 1 -7.20 -3.99 -3.03
N CYS A 2 -6.57 -3.91 -4.21
CA CYS A 2 -5.27 -3.25 -4.36
C CYS A 2 -4.15 -4.03 -3.67
N PRO A 3 -3.10 -4.41 -4.43
CA PRO A 3 -1.95 -5.14 -3.90
C PRO A 3 -1.13 -4.30 -2.93
N PRO A 4 -0.28 -4.94 -2.12
CA PRO A 4 0.58 -4.24 -1.16
C PRO A 4 1.41 -3.15 -1.83
N CYS A 5 1.35 -1.96 -1.27
CA CYS A 5 2.03 -0.81 -1.83
C CYS A 5 3.46 -0.73 -1.31
N LYS A 6 4.00 -1.90 -1.01
CA LYS A 6 5.31 -2.05 -0.40
C LYS A 6 5.31 -1.45 1.01
N CYS A 7 5.36 -0.13 1.09
CA CYS A 7 5.21 0.57 2.36
C CYS A 7 4.93 2.03 2.12
N GLY A 8 3.82 2.50 2.64
CA GLY A 8 3.43 3.89 2.48
C GLY A 8 3.92 4.75 3.62
N TRP A 9 3.00 5.50 4.23
CA TRP A 9 3.36 6.38 5.33
C TRP A 9 2.70 5.90 6.62
N SER B 1 -4.56 3.33 -9.48
CA SER B 1 -3.78 4.15 -8.54
C SER B 1 -3.66 3.47 -7.18
N CYS B 2 -4.79 3.37 -6.47
CA CYS B 2 -4.83 2.76 -5.13
C CYS B 2 -4.11 3.64 -4.10
N PRO B 3 -4.83 4.01 -3.03
CA PRO B 3 -4.28 4.84 -1.95
C PRO B 3 -3.22 4.09 -1.15
N PRO B 4 -2.39 4.81 -0.38
CA PRO B 4 -1.34 4.22 0.45
C PRO B 4 -1.90 3.13 1.36
N CYS B 5 -1.28 1.97 1.31
CA CYS B 5 -1.73 0.82 2.08
C CYS B 5 -1.13 0.85 3.49
N LYS B 6 -0.86 2.05 3.95
CA LYS B 6 -0.17 2.31 5.21
C LYS B 6 1.25 1.77 5.16
N CYS B 7 1.41 0.46 5.27
CA CYS B 7 2.70 -0.18 5.08
C CYS B 7 2.52 -1.67 4.87
N GLY B 8 3.00 -2.16 3.75
CA GLY B 8 2.89 -3.57 3.45
C GLY B 8 4.11 -4.35 3.90
N TRP B 9 4.70 -5.12 2.99
CA TRP B 9 5.86 -5.93 3.31
C TRP B 9 7.08 -5.42 2.55
N SER A 1 -9.55 -2.50 -1.70
CA SER A 1 -8.34 -3.30 -1.41
C SER A 1 -7.47 -3.40 -2.65
N CYS A 2 -6.17 -3.25 -2.46
CA CYS A 2 -5.22 -3.32 -3.56
C CYS A 2 -3.98 -4.09 -3.13
N PRO A 3 -3.11 -4.47 -4.08
CA PRO A 3 -1.83 -5.11 -3.76
C PRO A 3 -0.98 -4.24 -2.83
N PRO A 4 -0.12 -4.86 -2.02
CA PRO A 4 0.72 -4.15 -1.04
C PRO A 4 1.49 -3.00 -1.66
N CYS A 5 1.37 -1.83 -1.05
CA CYS A 5 1.99 -0.61 -1.56
C CYS A 5 3.47 -0.54 -1.20
N LYS A 6 4.10 -1.71 -1.07
CA LYS A 6 5.51 -1.85 -0.69
C LYS A 6 5.86 -0.96 0.50
N CYS A 7 5.05 -1.07 1.54
CA CYS A 7 5.18 -0.29 2.76
C CYS A 7 5.08 1.21 2.47
N GLY A 8 4.05 1.59 1.73
CA GLY A 8 3.72 2.99 1.59
C GLY A 8 2.73 3.43 2.63
N TRP A 9 3.19 4.23 3.60
CA TRP A 9 2.36 4.63 4.72
C TRP A 9 1.36 5.71 4.30
N SER B 1 -2.45 1.94 -9.57
CA SER B 1 -2.12 2.80 -8.41
C SER B 1 -3.30 2.88 -7.46
N CYS B 2 -3.03 2.82 -6.17
CA CYS B 2 -4.06 2.87 -5.16
C CYS B 2 -3.59 3.73 -3.98
N PRO B 3 -4.51 4.11 -3.08
CA PRO B 3 -4.15 4.82 -1.85
C PRO B 3 -3.12 4.04 -1.03
N PRO B 4 -2.29 4.76 -0.24
CA PRO B 4 -1.23 4.14 0.56
C PRO B 4 -1.74 3.00 1.43
N CYS B 5 -1.08 1.86 1.33
CA CYS B 5 -1.49 0.65 2.03
C CYS B 5 -1.02 0.66 3.49
N LYS B 6 -0.92 1.87 4.04
CA LYS B 6 -0.46 2.09 5.42
C LYS B 6 0.80 1.28 5.74
N CYS B 7 1.78 1.40 4.85
CA CYS B 7 3.04 0.68 4.95
C CYS B 7 2.82 -0.84 4.93
N GLY B 8 2.04 -1.30 3.97
CA GLY B 8 1.94 -2.72 3.72
C GLY B 8 2.96 -3.15 2.69
N TRP B 9 3.97 -3.88 3.12
CA TRP B 9 5.06 -4.28 2.23
C TRP B 9 4.64 -5.42 1.32
N SER A 1 -7.91 -0.93 1.12
CA SER A 1 -6.90 -1.99 0.91
C SER A 1 -6.62 -2.16 -0.58
N CYS A 2 -5.45 -2.68 -0.90
CA CYS A 2 -5.03 -2.86 -2.29
C CYS A 2 -3.78 -3.73 -2.36
N PRO A 3 -3.38 -4.19 -3.56
CA PRO A 3 -2.09 -4.85 -3.75
C PRO A 3 -0.95 -4.06 -3.09
N PRO A 4 0.02 -4.77 -2.49
CA PRO A 4 1.05 -4.17 -1.63
C PRO A 4 1.69 -2.94 -2.26
N CYS A 5 1.38 -1.79 -1.68
CA CYS A 5 1.91 -0.52 -2.15
C CYS A 5 3.29 -0.27 -1.55
N LYS A 6 3.95 -1.38 -1.24
CA LYS A 6 5.26 -1.41 -0.59
C LYS A 6 5.16 -0.84 0.83
N CYS A 7 5.02 0.48 0.93
CA CYS A 7 4.78 1.15 2.20
C CYS A 7 4.24 2.55 1.97
N GLY A 8 2.94 2.62 1.75
CA GLY A 8 2.30 3.90 1.51
C GLY A 8 1.87 4.57 2.78
N TRP A 9 2.61 5.59 3.18
CA TRP A 9 2.29 6.33 4.40
C TRP A 9 1.44 7.55 4.08
N SER B 1 0.54 0.56 -8.02
CA SER B 1 0.35 1.65 -7.05
C SER B 1 -1.12 1.77 -6.67
N CYS B 2 -1.39 2.35 -5.51
CA CYS B 2 -2.76 2.48 -5.01
C CYS B 2 -2.77 3.40 -3.80
N PRO B 3 -3.97 3.84 -3.35
CA PRO B 3 -4.11 4.56 -2.08
C PRO B 3 -3.35 3.86 -0.96
N PRO B 4 -2.72 4.65 -0.06
CA PRO B 4 -1.77 4.15 0.94
C PRO B 4 -2.29 2.93 1.68
N CYS B 5 -1.68 1.79 1.40
CA CYS B 5 -2.05 0.53 2.02
C CYS B 5 -1.34 0.39 3.36
N LYS B 6 -1.05 1.53 3.95
CA LYS B 6 -0.31 1.66 5.20
C LYS B 6 1.13 1.16 5.03
N CYS B 7 1.29 -0.15 4.96
CA CYS B 7 2.56 -0.78 4.67
C CYS B 7 2.36 -2.21 4.22
N GLY B 8 2.06 -2.37 2.93
CA GLY B 8 1.84 -3.69 2.39
C GLY B 8 3.11 -4.32 1.90
N TRP B 9 3.63 -5.29 2.65
CA TRP B 9 4.85 -5.98 2.29
C TRP B 9 4.53 -7.26 1.51
N SER A 1 -2.93 1.22 -10.00
CA SER A 1 -2.54 -0.13 -9.58
C SER A 1 -2.01 -0.11 -8.15
N CYS A 2 -2.61 -0.89 -7.28
CA CYS A 2 -2.20 -0.92 -5.89
C CYS A 2 -2.44 -2.31 -5.28
N PRO A 3 -1.36 -2.95 -4.82
CA PRO A 3 -1.44 -4.20 -4.06
C PRO A 3 -1.71 -3.92 -2.59
N PRO A 4 -1.87 -4.96 -1.75
CA PRO A 4 -2.00 -4.77 -0.31
C PRO A 4 -0.81 -4.02 0.26
N CYS A 5 -1.07 -2.88 0.86
CA CYS A 5 -0.05 -2.13 1.55
C CYS A 5 0.32 -2.86 2.82
N LYS A 6 1.19 -3.86 2.68
CA LYS A 6 1.55 -4.75 3.77
C LYS A 6 2.08 -3.95 4.96
N CYS A 7 3.08 -3.12 4.71
CA CYS A 7 3.59 -2.21 5.73
C CYS A 7 2.58 -1.12 5.99
N GLY A 8 2.00 -0.60 4.93
CA GLY A 8 0.96 0.41 5.06
C GLY A 8 1.46 1.79 4.71
N TRP A 9 1.08 2.75 5.52
CA TRP A 9 1.49 4.14 5.33
C TRP A 9 2.90 4.33 5.85
N SER B 1 -10.08 -1.84 -2.41
CA SER B 1 -9.72 -0.45 -2.08
C SER B 1 -8.26 -0.38 -1.61
N CYS B 2 -7.46 0.42 -2.30
CA CYS B 2 -6.06 0.55 -1.96
C CYS B 2 -5.53 1.95 -2.27
N PRO B 3 -5.05 2.64 -1.24
CA PRO B 3 -4.37 3.92 -1.40
C PRO B 3 -2.90 3.71 -1.74
N PRO B 4 -2.12 4.79 -1.99
CA PRO B 4 -0.69 4.67 -2.18
C PRO B 4 -0.02 3.98 -1.01
N CYS B 5 0.63 2.86 -1.26
CA CYS B 5 1.40 2.19 -0.24
C CYS B 5 2.66 3.01 0.03
N LYS B 6 2.51 4.02 0.89
CA LYS B 6 3.58 4.97 1.16
C LYS B 6 4.82 4.25 1.65
N CYS B 7 4.67 3.44 2.69
CA CYS B 7 5.76 2.61 3.17
C CYS B 7 6.03 1.50 2.17
N GLY B 8 4.96 0.90 1.67
CA GLY B 8 5.10 -0.12 0.65
C GLY B 8 4.84 -1.50 1.21
N TRP B 9 5.69 -2.44 0.82
CA TRP B 9 5.58 -3.82 1.27
C TRP B 9 6.18 -3.94 2.67
N SER A 1 -9.07 -1.52 -1.05
CA SER A 1 -7.82 -2.23 -0.75
C SER A 1 -7.19 -2.78 -2.02
N CYS A 2 -5.88 -2.67 -2.11
CA CYS A 2 -5.15 -3.12 -3.30
C CYS A 2 -3.89 -3.88 -2.89
N PRO A 3 -3.22 -4.56 -3.84
CA PRO A 3 -1.93 -5.22 -3.59
C PRO A 3 -0.94 -4.30 -2.86
N PRO A 4 0.06 -4.89 -2.18
CA PRO A 4 1.03 -4.16 -1.36
C PRO A 4 1.62 -2.96 -2.09
N CYS A 5 1.45 -1.79 -1.49
CA CYS A 5 1.95 -0.56 -2.06
C CYS A 5 3.40 -0.31 -1.65
N LYS A 6 4.11 -1.41 -1.47
CA LYS A 6 5.52 -1.41 -1.10
C LYS A 6 5.76 -0.58 0.15
N CYS A 7 5.02 -0.91 1.20
CA CYS A 7 5.01 -0.11 2.43
C CYS A 7 4.78 1.38 2.11
N GLY A 8 3.59 1.67 1.59
CA GLY A 8 3.25 3.04 1.30
C GLY A 8 2.64 3.74 2.50
N TRP A 9 3.38 4.70 3.04
CA TRP A 9 2.95 5.47 4.20
C TRP A 9 2.69 4.57 5.41
N SER B 1 -1.74 0.95 -9.06
CA SER B 1 -1.39 1.75 -7.86
C SER B 1 -2.64 2.27 -7.19
N CYS B 2 -2.65 2.25 -5.86
CA CYS B 2 -3.79 2.68 -5.08
C CYS B 2 -3.34 3.53 -3.90
N PRO B 3 -4.27 4.21 -3.20
CA PRO B 3 -3.96 4.94 -1.96
C PRO B 3 -3.13 4.11 -0.97
N PRO B 4 -2.40 4.79 -0.07
CA PRO B 4 -1.49 4.14 0.89
C PRO B 4 -2.12 2.95 1.59
N CYS B 5 -1.49 1.80 1.44
CA CYS B 5 -1.96 0.57 2.04
C CYS B 5 -1.45 0.42 3.46
N LYS B 6 -1.27 1.57 4.11
CA LYS B 6 -0.82 1.66 5.50
C LYS B 6 0.49 0.90 5.68
N CYS B 7 1.47 1.23 4.85
CA CYS B 7 2.73 0.49 4.80
C CYS B 7 2.47 -1.01 4.67
N GLY B 8 1.88 -1.41 3.55
CA GLY B 8 1.63 -2.81 3.30
C GLY B 8 2.83 -3.47 2.65
N TRP B 9 3.46 -4.38 3.39
CA TRP B 9 4.62 -5.13 2.93
C TRP B 9 5.76 -4.18 2.52
N SER A 1 -7.97 -2.00 -0.39
CA SER A 1 -8.20 -3.25 -1.11
C SER A 1 -7.31 -3.30 -2.37
N CYS A 2 -6.00 -3.33 -2.14
CA CYS A 2 -5.03 -3.37 -3.23
C CYS A 2 -3.84 -4.23 -2.83
N PRO A 3 -3.06 -4.69 -3.82
CA PRO A 3 -1.79 -5.38 -3.55
C PRO A 3 -0.84 -4.48 -2.76
N PRO A 4 0.12 -5.06 -2.02
CA PRO A 4 1.07 -4.30 -1.21
C PRO A 4 1.69 -3.15 -1.97
N CYS A 5 1.42 -1.94 -1.50
CA CYS A 5 1.89 -0.73 -2.15
C CYS A 5 3.32 -0.42 -1.74
N LYS A 6 4.07 -1.48 -1.49
CA LYS A 6 5.48 -1.42 -1.15
C LYS A 6 5.70 -0.55 0.09
N CYS A 7 4.96 -0.87 1.14
CA CYS A 7 4.96 -0.06 2.37
C CYS A 7 4.62 1.39 2.05
N GLY A 8 3.48 1.61 1.44
CA GLY A 8 2.99 2.96 1.25
C GLY A 8 2.41 3.51 2.53
N TRP A 9 3.14 4.41 3.17
CA TRP A 9 2.79 4.94 4.47
C TRP A 9 1.39 5.55 4.48
N SER B 1 -1.02 1.49 -8.03
CA SER B 1 -1.84 2.70 -8.26
C SER B 1 -3.01 2.74 -7.29
N CYS B 2 -2.70 2.88 -6.01
CA CYS B 2 -3.71 2.92 -4.96
C CYS B 2 -3.28 3.87 -3.85
N PRO B 3 -4.23 4.34 -3.03
CA PRO B 3 -3.91 5.10 -1.83
C PRO B 3 -3.02 4.29 -0.88
N PRO B 4 -2.24 4.96 -0.01
CA PRO B 4 -1.33 4.29 0.92
C PRO B 4 -2.00 3.14 1.65
N CYS B 5 -1.48 1.94 1.42
CA CYS B 5 -2.05 0.74 2.00
C CYS B 5 -1.54 0.53 3.43
N LYS B 6 -1.28 1.66 4.09
CA LYS B 6 -0.83 1.69 5.47
C LYS B 6 0.46 0.89 5.65
N CYS B 7 1.44 1.20 4.82
CA CYS B 7 2.70 0.45 4.77
C CYS B 7 2.43 -1.04 4.55
N GLY B 8 1.74 -1.35 3.46
CA GLY B 8 1.57 -2.73 3.07
C GLY B 8 2.83 -3.26 2.43
N TRP B 9 3.56 -4.09 3.16
CA TRP B 9 4.87 -4.58 2.74
C TRP B 9 4.80 -5.28 1.40
N SER A 1 -7.62 -0.66 0.94
CA SER A 1 -7.28 -2.07 0.62
C SER A 1 -6.92 -2.21 -0.86
N CYS A 2 -5.72 -2.69 -1.11
CA CYS A 2 -5.23 -2.85 -2.49
C CYS A 2 -3.99 -3.73 -2.49
N PRO A 3 -3.54 -4.17 -3.69
CA PRO A 3 -2.24 -4.85 -3.82
C PRO A 3 -1.13 -4.08 -3.12
N PRO A 4 -0.14 -4.78 -2.54
CA PRO A 4 0.88 -4.16 -1.69
C PRO A 4 1.52 -2.95 -2.34
N CYS A 5 1.21 -1.79 -1.79
CA CYS A 5 1.74 -0.53 -2.27
C CYS A 5 3.12 -0.29 -1.70
N LYS A 6 3.85 -1.39 -1.53
CA LYS A 6 5.13 -1.43 -0.84
C LYS A 6 4.97 -0.94 0.59
N CYS A 7 5.08 0.36 0.80
CA CYS A 7 4.85 0.93 2.12
C CYS A 7 4.42 2.38 1.97
N GLY A 8 3.10 2.59 1.97
CA GLY A 8 2.55 3.92 1.75
C GLY A 8 2.93 4.90 2.85
N TRP A 9 2.65 4.53 4.09
CA TRP A 9 2.96 5.37 5.23
C TRP A 9 2.83 4.56 6.51
N SER B 1 0.41 0.24 -7.67
CA SER B 1 0.05 1.64 -7.39
C SER B 1 -1.40 1.73 -6.92
N CYS B 2 -1.61 2.30 -5.74
CA CYS B 2 -2.95 2.43 -5.18
C CYS B 2 -2.92 3.38 -3.98
N PRO B 3 -4.10 3.80 -3.47
CA PRO B 3 -4.18 4.55 -2.21
C PRO B 3 -3.37 3.87 -1.12
N PRO B 4 -2.74 4.65 -0.22
CA PRO B 4 -1.80 4.13 0.78
C PRO B 4 -2.34 2.94 1.54
N CYS B 5 -1.78 1.79 1.26
CA CYS B 5 -2.16 0.54 1.89
C CYS B 5 -1.47 0.41 3.25
N LYS B 6 -1.31 1.56 3.89
CA LYS B 6 -0.53 1.70 5.11
C LYS B 6 0.91 1.26 4.87
N CYS B 7 1.18 -0.02 5.04
CA CYS B 7 2.50 -0.55 4.76
C CYS B 7 2.39 -2.03 4.41
N GLY B 8 2.32 -2.32 3.12
CA GLY B 8 2.13 -3.68 2.66
C GLY B 8 3.28 -4.59 3.02
N TRP B 9 4.48 -4.18 2.63
CA TRP B 9 5.68 -4.96 2.90
C TRP B 9 6.92 -4.11 2.65
N SER A 1 -3.33 -5.06 -9.53
CA SER A 1 -3.47 -3.60 -9.72
C SER A 1 -3.07 -2.85 -8.45
N CYS A 2 -3.67 -3.21 -7.33
CA CYS A 2 -3.36 -2.57 -6.06
C CYS A 2 -2.72 -3.57 -5.10
N PRO A 3 -1.44 -3.36 -4.76
CA PRO A 3 -0.69 -4.24 -3.86
C PRO A 3 -1.07 -4.00 -2.40
N PRO A 4 -0.68 -4.91 -1.49
CA PRO A 4 -0.92 -4.74 -0.06
C PRO A 4 -0.10 -3.59 0.51
N CYS A 5 -0.78 -2.59 0.99
CA CYS A 5 -0.13 -1.49 1.66
C CYS A 5 0.16 -1.91 3.09
N LYS A 6 1.17 -2.77 3.22
CA LYS A 6 1.58 -3.36 4.49
C LYS A 6 1.55 -2.32 5.61
N CYS A 7 2.28 -1.22 5.41
CA CYS A 7 2.18 -0.08 6.29
C CYS A 7 1.16 0.91 5.73
N GLY A 8 1.44 1.41 4.53
CA GLY A 8 0.53 2.34 3.89
C GLY A 8 0.65 3.75 4.44
N TRP A 9 0.35 4.74 3.60
CA TRP A 9 0.39 6.14 3.98
C TRP A 9 1.77 6.56 4.46
N SER B 1 -9.94 4.38 -3.10
CA SER B 1 -10.03 2.91 -3.22
C SER B 1 -8.70 2.25 -2.85
N CYS B 2 -7.63 2.68 -3.50
CA CYS B 2 -6.31 2.12 -3.22
C CYS B 2 -5.41 3.19 -2.63
N PRO B 3 -5.00 3.02 -1.37
CA PRO B 3 -4.13 3.97 -0.66
C PRO B 3 -2.68 3.81 -1.09
N PRO B 4 -1.81 4.79 -0.75
CA PRO B 4 -0.38 4.69 -1.03
C PRO B 4 0.29 3.61 -0.21
N CYS B 5 0.80 2.62 -0.91
CA CYS B 5 1.57 1.57 -0.26
C CYS B 5 2.98 2.09 -0.04
N LYS B 6 3.09 2.97 0.97
CA LYS B 6 4.34 3.64 1.32
C LYS B 6 5.51 2.66 1.27
N CYS B 7 5.41 1.57 2.00
CA CYS B 7 6.36 0.49 1.90
C CYS B 7 5.82 -0.55 0.92
N GLY B 8 4.66 -1.12 1.24
CA GLY B 8 4.05 -2.11 0.38
C GLY B 8 4.69 -3.47 0.49
N TRP B 9 3.90 -4.51 0.23
CA TRP B 9 4.37 -5.89 0.27
C TRP B 9 4.92 -6.24 1.65
N SER A 1 -3.33 -3.73 -9.98
CA SER A 1 -3.51 -2.26 -9.96
C SER A 1 -2.87 -1.67 -8.71
N CYS A 2 -3.11 -2.30 -7.57
CA CYS A 2 -2.56 -1.82 -6.31
C CYS A 2 -2.42 -2.97 -5.31
N PRO A 3 -1.18 -3.26 -4.88
CA PRO A 3 -0.90 -4.32 -3.91
C PRO A 3 -1.32 -3.91 -2.51
N PRO A 4 -1.50 -4.88 -1.61
CA PRO A 4 -1.82 -4.61 -0.21
C PRO A 4 -0.70 -3.84 0.47
N CYS A 5 -1.03 -2.69 1.01
CA CYS A 5 -0.07 -1.93 1.79
C CYS A 5 0.11 -2.60 3.13
N LYS A 6 0.89 -3.68 3.14
CA LYS A 6 1.05 -4.51 4.32
C LYS A 6 1.55 -3.69 5.50
N CYS A 7 2.62 -2.93 5.27
CA CYS A 7 3.09 -1.98 6.26
C CYS A 7 2.07 -0.85 6.40
N GLY A 8 1.75 -0.21 5.27
CA GLY A 8 0.67 0.76 5.28
C GLY A 8 1.00 1.98 4.45
N TRP A 9 0.80 3.14 5.04
CA TRP A 9 1.10 4.40 4.40
C TRP A 9 2.46 4.89 4.85
N SER B 1 -10.35 3.11 -2.94
CA SER B 1 -10.25 1.63 -3.07
C SER B 1 -8.95 1.13 -2.48
N CYS B 2 -7.85 1.79 -2.81
CA CYS B 2 -6.54 1.40 -2.30
C CYS B 2 -5.60 2.60 -2.27
N PRO B 3 -5.12 2.97 -1.07
CA PRO B 3 -4.19 4.09 -0.90
C PRO B 3 -2.79 3.72 -1.37
N PRO B 4 -1.94 4.73 -1.64
CA PRO B 4 -0.55 4.49 -2.03
C PRO B 4 0.22 3.82 -0.91
N CYS B 5 0.80 2.67 -1.22
CA CYS B 5 1.66 1.99 -0.26
C CYS B 5 2.98 2.74 -0.19
N LYS B 6 2.98 3.86 0.54
CA LYS B 6 4.13 4.74 0.59
C LYS B 6 5.36 3.99 1.08
N CYS B 7 5.23 3.29 2.19
CA CYS B 7 6.28 2.40 2.64
C CYS B 7 6.42 1.23 1.65
N GLY B 8 5.31 0.53 1.44
CA GLY B 8 5.30 -0.48 0.41
C GLY B 8 4.56 -1.73 0.84
N TRP B 9 5.20 -2.87 0.65
CA TRP B 9 4.62 -4.15 1.05
C TRP B 9 5.20 -4.54 2.39
N SER A 1 -7.22 -2.51 -8.82
CA SER A 1 -5.92 -2.93 -9.41
C SER A 1 -4.76 -2.22 -8.72
N CYS A 2 -4.75 -2.26 -7.40
CA CYS A 2 -3.69 -1.65 -6.61
C CYS A 2 -3.41 -2.46 -5.36
N PRO A 3 -2.29 -3.20 -5.35
CA PRO A 3 -1.93 -4.05 -4.21
C PRO A 3 -1.42 -3.23 -3.02
N PRO A 4 -2.02 -3.41 -1.83
CA PRO A 4 -1.57 -2.75 -0.62
C PRO A 4 -0.16 -3.19 -0.25
N CYS A 5 0.66 -2.26 0.20
CA CYS A 5 2.03 -2.57 0.53
C CYS A 5 2.17 -3.10 1.96
N LYS A 6 1.03 -3.48 2.51
CA LYS A 6 0.93 -4.09 3.84
C LYS A 6 1.74 -3.33 4.90
N CYS A 7 1.78 -2.02 4.77
CA CYS A 7 2.60 -1.18 5.64
C CYS A 7 1.98 0.21 5.74
N GLY A 8 2.81 1.24 5.80
CA GLY A 8 2.29 2.58 5.97
C GLY A 8 3.38 3.61 6.16
N TRP A 9 3.19 4.78 5.55
CA TRP A 9 4.13 5.87 5.66
C TRP A 9 3.38 7.20 5.73
N SER B 1 -9.33 1.70 -6.77
CA SER B 1 -9.86 2.17 -5.47
C SER B 1 -9.07 1.57 -4.31
N CYS B 2 -7.75 1.66 -4.39
CA CYS B 2 -6.88 1.14 -3.35
C CYS B 2 -5.65 2.04 -3.19
N PRO B 3 -5.61 2.83 -2.12
CA PRO B 3 -4.49 3.75 -1.87
C PRO B 3 -3.24 3.01 -1.39
N PRO B 4 -2.10 3.22 -2.06
CA PRO B 4 -0.84 2.64 -1.65
C PRO B 4 -0.41 3.17 -0.28
N CYS B 5 0.13 2.31 0.55
CA CYS B 5 0.53 2.71 1.88
C CYS B 5 1.93 3.29 1.90
N LYS B 6 2.40 3.64 0.71
CA LYS B 6 3.70 4.30 0.51
C LYS B 6 4.83 3.64 1.29
N CYS B 7 4.77 2.32 1.40
CA CYS B 7 5.71 1.58 2.21
C CYS B 7 5.85 0.16 1.67
N GLY B 8 6.00 -0.82 2.55
CA GLY B 8 6.20 -2.19 2.10
C GLY B 8 6.49 -3.14 3.23
N TRP B 9 5.94 -4.34 3.13
CA TRP B 9 6.16 -5.38 4.12
C TRP B 9 6.23 -6.73 3.43
N SER A 1 -5.84 -2.32 -10.82
CA SER A 1 -5.71 -3.11 -9.59
C SER A 1 -4.50 -2.66 -8.79
N CYS A 2 -4.75 -2.09 -7.61
CA CYS A 2 -3.69 -1.61 -6.74
C CYS A 2 -3.49 -2.54 -5.54
N PRO A 3 -2.33 -3.17 -5.43
CA PRO A 3 -2.01 -4.04 -4.31
C PRO A 3 -1.51 -3.25 -3.09
N PRO A 4 -1.95 -3.62 -1.89
CA PRO A 4 -1.54 -2.95 -0.65
C PRO A 4 -0.11 -3.32 -0.28
N CYS A 5 0.65 -2.35 0.20
CA CYS A 5 2.04 -2.60 0.56
C CYS A 5 2.18 -3.06 2.01
N LYS A 6 1.04 -3.42 2.59
CA LYS A 6 0.95 -3.99 3.93
C LYS A 6 1.83 -3.25 4.94
N CYS A 7 1.83 -1.93 4.86
CA CYS A 7 2.66 -1.11 5.72
C CYS A 7 2.10 0.30 5.78
N GLY A 8 2.98 1.29 5.86
CA GLY A 8 2.55 2.66 5.97
C GLY A 8 3.66 3.56 6.46
N TRP A 9 4.09 4.48 5.62
CA TRP A 9 5.19 5.37 5.96
C TRP A 9 4.76 6.82 5.81
N SER B 1 -11.29 1.55 -5.32
CA SER B 1 -10.09 2.41 -5.29
C SER B 1 -9.19 2.04 -4.11
N CYS B 2 -8.01 1.51 -4.42
CA CYS B 2 -7.06 1.13 -3.39
C CYS B 2 -5.89 2.11 -3.32
N PRO B 3 -5.75 2.81 -2.19
CA PRO B 3 -4.64 3.74 -1.98
C PRO B 3 -3.37 3.03 -1.51
N PRO B 4 -2.21 3.43 -2.03
CA PRO B 4 -0.93 2.84 -1.66
C PRO B 4 -0.49 3.29 -0.28
N CYS B 5 0.09 2.38 0.50
CA CYS B 5 0.51 2.72 1.85
C CYS B 5 1.93 3.24 1.88
N LYS B 6 2.43 3.57 0.70
CA LYS B 6 3.75 4.19 0.49
C LYS B 6 4.84 3.54 1.34
N CYS B 7 4.82 2.22 1.41
CA CYS B 7 5.76 1.49 2.24
C CYS B 7 5.85 0.05 1.75
N GLY B 8 6.02 -0.88 2.67
CA GLY B 8 6.18 -2.28 2.29
C GLY B 8 6.77 -3.10 3.41
N TRP B 9 5.99 -4.03 3.94
CA TRP B 9 6.43 -4.85 5.05
C TRP B 9 6.30 -6.33 4.71
N SER A 1 -6.48 -3.60 -9.19
CA SER A 1 -6.11 -2.21 -9.53
C SER A 1 -4.83 -1.83 -8.81
N CYS A 2 -4.78 -2.09 -7.50
CA CYS A 2 -3.62 -1.73 -6.69
C CYS A 2 -3.47 -2.65 -5.49
N PRO A 3 -2.26 -3.19 -5.29
CA PRO A 3 -1.97 -4.02 -4.13
C PRO A 3 -1.54 -3.18 -2.92
N PRO A 4 -2.19 -3.39 -1.76
CA PRO A 4 -1.79 -2.72 -0.52
C PRO A 4 -0.45 -3.26 -0.01
N CYS A 5 0.42 -2.37 0.42
CA CYS A 5 1.74 -2.77 0.87
C CYS A 5 1.75 -3.14 2.35
N LYS A 6 0.56 -3.31 2.88
CA LYS A 6 0.34 -3.73 4.28
C LYS A 6 1.20 -2.93 5.26
N CYS A 7 1.47 -1.67 4.93
CA CYS A 7 2.37 -0.86 5.71
C CYS A 7 1.91 0.59 5.67
N GLY A 8 2.85 1.53 5.58
CA GLY A 8 2.49 2.93 5.58
C GLY A 8 3.41 3.75 6.46
N TRP A 9 3.24 5.06 6.45
CA TRP A 9 4.08 5.94 7.22
C TRP A 9 3.24 6.80 8.15
N SER B 1 -9.73 2.88 -6.13
CA SER B 1 -9.97 1.49 -5.69
C SER B 1 -9.16 1.19 -4.44
N CYS B 2 -7.88 1.51 -4.47
CA CYS B 2 -6.99 1.24 -3.34
C CYS B 2 -5.83 2.24 -3.29
N PRO B 3 -5.59 2.83 -2.11
CA PRO B 3 -4.45 3.72 -1.92
C PRO B 3 -3.19 2.95 -1.53
N PRO B 4 -2.08 3.20 -2.24
CA PRO B 4 -0.78 2.61 -1.90
C PRO B 4 -0.23 3.22 -0.61
N CYS B 5 0.30 2.39 0.27
CA CYS B 5 0.79 2.87 1.56
C CYS B 5 2.24 3.32 1.47
N LYS B 6 2.70 3.46 0.24
CA LYS B 6 4.06 3.94 -0.07
C LYS B 6 5.12 3.22 0.77
N CYS B 7 4.87 1.97 1.10
CA CYS B 7 5.75 1.23 1.99
C CYS B 7 5.76 -0.24 1.58
N GLY B 8 5.77 -1.13 2.56
CA GLY B 8 5.82 -2.55 2.26
C GLY B 8 6.79 -3.28 3.17
N TRP B 9 6.83 -4.60 3.03
CA TRP B 9 7.69 -5.42 3.88
C TRP B 9 8.61 -6.25 3.00
N SER A 1 -8.94 -3.35 -0.20
CA SER A 1 -8.21 -4.42 -0.92
C SER A 1 -7.38 -3.83 -2.04
N CYS A 2 -6.08 -4.06 -2.00
CA CYS A 2 -5.17 -3.51 -2.98
C CYS A 2 -3.81 -4.18 -2.85
N PRO A 3 -3.16 -4.46 -4.00
CA PRO A 3 -1.78 -4.97 -4.03
C PRO A 3 -0.87 -4.16 -3.11
N PRO A 4 -0.01 -4.85 -2.35
CA PRO A 4 0.85 -4.21 -1.34
C PRO A 4 1.60 -3.01 -1.89
N CYS A 5 1.39 -1.86 -1.25
CA CYS A 5 2.00 -0.61 -1.68
C CYS A 5 3.49 -0.53 -1.33
N LYS A 6 4.14 -1.69 -1.35
CA LYS A 6 5.57 -1.80 -1.00
C LYS A 6 5.86 -1.12 0.32
N CYS A 7 4.93 -1.25 1.27
CA CYS A 7 4.97 -0.51 2.53
C CYS A 7 5.06 0.99 2.24
N GLY A 8 3.94 1.54 1.80
CA GLY A 8 3.89 2.96 1.51
C GLY A 8 2.75 3.64 2.22
N TRP A 9 3.02 4.81 2.78
CA TRP A 9 2.00 5.61 3.43
C TRP A 9 2.43 7.07 3.43
N SER B 1 -0.91 2.82 -9.04
CA SER B 1 -1.63 3.90 -8.33
C SER B 1 -2.67 3.31 -7.39
N CYS B 2 -2.54 3.60 -6.11
CA CYS B 2 -3.44 3.07 -5.10
C CYS B 2 -3.27 3.81 -3.79
N PRO B 3 -4.38 4.07 -3.09
CA PRO B 3 -4.35 4.66 -1.75
C PRO B 3 -3.34 3.94 -0.85
N PRO B 4 -2.56 4.72 -0.08
CA PRO B 4 -1.46 4.18 0.74
C PRO B 4 -1.90 2.99 1.60
N CYS B 5 -1.22 1.87 1.41
CA CYS B 5 -1.54 0.64 2.10
C CYS B 5 -1.09 0.67 3.57
N LYS B 6 -1.13 1.86 4.16
CA LYS B 6 -0.71 2.07 5.55
C LYS B 6 0.67 1.48 5.79
N CYS B 7 1.54 1.60 4.80
CA CYS B 7 2.84 0.92 4.80
C CYS B 7 2.63 -0.58 4.98
N GLY B 8 2.15 -1.23 3.93
CA GLY B 8 1.94 -2.66 3.96
C GLY B 8 2.61 -3.36 2.81
N TRP B 9 3.24 -4.49 3.12
CA TRP B 9 3.87 -5.31 2.10
C TRP B 9 3.98 -6.75 2.63
N SER A 1 -8.84 -5.34 -2.27
CA SER A 1 -9.11 -4.25 -3.23
C SER A 1 -7.94 -4.09 -4.19
N CYS A 2 -6.78 -3.74 -3.64
CA CYS A 2 -5.61 -3.48 -4.47
C CYS A 2 -4.38 -4.19 -3.91
N PRO A 3 -3.50 -4.67 -4.79
CA PRO A 3 -2.20 -5.27 -4.41
C PRO A 3 -1.40 -4.31 -3.54
N PRO A 4 -0.49 -4.86 -2.69
CA PRO A 4 0.33 -4.07 -1.77
C PRO A 4 0.93 -2.83 -2.41
N CYS A 5 0.67 -1.68 -1.81
CA CYS A 5 1.15 -0.40 -2.32
C CYS A 5 2.61 -0.18 -1.94
N LYS A 6 3.40 -1.25 -1.99
CA LYS A 6 4.78 -1.24 -1.57
C LYS A 6 4.91 -0.75 -0.13
N CYS A 7 4.54 -1.60 0.82
CA CYS A 7 4.63 -1.25 2.21
C CYS A 7 5.85 -1.92 2.85
N GLY A 8 6.04 -1.69 4.13
CA GLY A 8 7.22 -2.22 4.81
C GLY A 8 7.98 -1.11 5.51
N TRP A 9 8.21 -0.03 4.77
CA TRP A 9 8.84 1.16 5.31
C TRP A 9 8.65 2.32 4.34
N SER B 1 -3.06 4.73 -8.94
CA SER B 1 -3.99 3.59 -9.09
C SER B 1 -4.87 3.43 -7.84
N CYS B 2 -4.24 3.18 -6.70
CA CYS B 2 -4.98 2.96 -5.47
C CYS B 2 -4.36 3.75 -4.32
N PRO B 3 -5.22 4.26 -3.41
CA PRO B 3 -4.78 4.93 -2.18
C PRO B 3 -3.81 4.07 -1.38
N PRO B 4 -2.94 4.69 -0.55
CA PRO B 4 -1.93 3.99 0.24
C PRO B 4 -2.48 2.77 0.95
N CYS B 5 -1.85 1.62 0.71
CA CYS B 5 -2.26 0.36 1.29
C CYS B 5 -1.79 0.23 2.73
N LYS B 6 -1.83 1.34 3.46
CA LYS B 6 -1.33 1.42 4.82
C LYS B 6 0.14 1.00 4.87
N CYS B 7 1.01 1.87 4.40
CA CYS B 7 2.43 1.59 4.41
C CYS B 7 3.12 2.36 5.54
N GLY B 8 4.42 2.18 5.68
CA GLY B 8 5.15 2.79 6.77
C GLY B 8 5.94 1.77 7.54
N TRP B 9 5.27 0.67 7.88
CA TRP B 9 5.90 -0.45 8.53
C TRP B 9 4.96 -1.65 8.47
#